data_6RHE
#
_entry.id   6RHE
#
_cell.length_a   117.651
_cell.length_b   117.651
_cell.length_c   147.900
_cell.angle_alpha   90.00
_cell.angle_beta   90.00
_cell.angle_gamma   120.00
#
_symmetry.space_group_name_H-M   'P 61'
#
loop_
_entity.id
_entity.type
_entity.pdbx_description
1 polymer 'O-GlcNAcase NagJ'
2 polymer ACE-ALA-HIS-CYS-GLY-NH2
3 non-polymer 'CADMIUM ION'
4 non-polymer 2-acetamido-2-deoxy-beta-D-glucopyranose
5 water water
#
loop_
_entity_poly.entity_id
_entity_poly.type
_entity_poly.pdbx_seq_one_letter_code
_entity_poly.pdbx_strand_id
1 'polypeptide(L)'
;GSVGPKTGEENQVLVPNLNPTPENLEVVGDGFKITSSINLVGEEEADENAVNALREFLTANNIEINSENDPNSTTLIIGE
VDDDIPELDEALNGTTAENLKEEGYALVSNDGKIAIEGKDGDGTFYGVQTFKQLVKESNIPEVNITDYPTVSARGIVEGF
YGTPWTHQDRLDQIKFYGENKLNTYIYAPKDDPYHREKWREPYPESEMQRMQELINASAENKVDFVFGISPGIDIRFDGD
AGEEDFNHLITKAESLYDMGVRSFAIYWDNIQDKSAAKHAQVLNRFNEEFVKAKGDVKPLITVPTEYDTGAMVSNGQPRA
YTRIFAETVDPSIEVMWTGPGVVTNEIPLSDAQLISGIYDRNMAVWWNYPVTDYFKGKLALGPMHGLDKGLNQYVDFFTV
NPMEHAELSKISIHTAADYSWNMDNYDYDKAWNRAIDMLYGDLAEDMKVFANHSTRMDNKTWAKSGREDAPELRAKMDEL
WNKLSSKEDASALIEELYGEFARMEEACNNLKANLPEVALEECSRQLDELITLAQGDKASLDMIVAQLNEDTEAYESAKE
IAQNKLNTALSSFAVISEKVAQSFIQEALSFA
;
A
2 'polypeptide(L)' (ACE)AHCG(NH2) D
#
# COMPACT_ATOMS: atom_id res chain seq x y z
N GLN A 12 -14.61 -25.81 17.32
CA GLN A 12 -13.20 -25.74 16.83
C GLN A 12 -12.97 -24.41 16.13
N VAL A 13 -12.26 -23.47 16.75
CA VAL A 13 -12.08 -22.10 16.16
C VAL A 13 -10.96 -22.07 15.12
N LEU A 14 -11.28 -21.56 13.93
CA LEU A 14 -10.32 -21.48 12.83
C LEU A 14 -9.54 -20.16 12.83
N VAL A 15 -8.37 -20.23 12.23
CA VAL A 15 -7.52 -19.03 12.07
C VAL A 15 -8.23 -18.13 11.08
N PRO A 16 -8.67 -16.92 11.45
CA PRO A 16 -9.21 -15.99 10.47
C PRO A 16 -8.16 -15.44 9.50
N ASN A 17 -8.63 -14.65 8.54
CA ASN A 17 -7.74 -13.88 7.65
C ASN A 17 -6.72 -13.12 8.51
N LEU A 18 -5.43 -13.30 8.20
CA LEU A 18 -4.37 -12.48 8.80
C LEU A 18 -3.71 -11.62 7.72
N ASN A 19 -3.29 -10.42 8.11
CA ASN A 19 -2.48 -9.59 7.22
C ASN A 19 -1.56 -8.69 8.02
N PRO A 20 -0.22 -8.73 7.77
CA PRO A 20 0.45 -9.62 6.82
C PRO A 20 0.40 -11.10 7.22
N THR A 21 0.80 -11.98 6.31
CA THR A 21 0.82 -13.41 6.59
C THR A 21 1.99 -13.68 7.53
N PRO A 22 1.73 -14.17 8.75
CA PRO A 22 2.83 -14.38 9.68
C PRO A 22 3.78 -15.45 9.14
N GLU A 23 5.05 -15.31 9.43
CA GLU A 23 6.06 -16.26 8.92
C GLU A 23 5.77 -17.68 9.39
N ASN A 24 5.66 -17.91 10.68
CA ASN A 24 5.51 -19.29 11.22
C ASN A 24 4.27 -19.38 12.07
N LEU A 25 3.27 -20.15 11.63
CA LEU A 25 2.06 -20.36 12.44
C LEU A 25 1.64 -21.81 12.44
N GLU A 26 1.49 -22.38 13.62
CA GLU A 26 0.84 -23.70 13.75
C GLU A 26 -0.32 -23.64 14.72
N VAL A 27 -1.38 -24.34 14.36
CA VAL A 27 -2.52 -24.55 15.27
C VAL A 27 -2.14 -25.68 16.20
N VAL A 28 -2.22 -25.45 17.49
CA VAL A 28 -1.83 -26.46 18.50
C VAL A 28 -3.04 -26.86 19.33
N GLY A 29 -4.23 -26.33 19.07
CA GLY A 29 -5.41 -26.69 19.87
C GLY A 29 -6.72 -26.38 19.18
N ASP A 30 -7.81 -26.70 19.87
CA ASP A 30 -9.17 -26.45 19.34
C ASP A 30 -9.53 -24.97 19.30
N GLY A 31 -8.86 -24.16 20.12
CA GLY A 31 -9.34 -22.80 20.41
C GLY A 31 -10.15 -22.72 21.67
N PHE A 32 -10.32 -21.52 22.20
CA PHE A 32 -11.15 -21.27 23.39
C PHE A 32 -11.77 -19.88 23.30
N LYS A 33 -12.82 -19.70 24.11
CA LYS A 33 -13.51 -18.40 24.21
C LYS A 33 -12.85 -17.59 25.33
N ILE A 34 -12.53 -16.36 25.00
CA ILE A 34 -11.96 -15.41 25.97
C ILE A 34 -13.07 -15.01 26.92
N THR A 35 -12.80 -15.11 28.21
CA THR A 35 -13.78 -14.75 29.26
C THR A 35 -14.08 -13.26 29.20
N SER A 36 -15.17 -12.84 29.87
CA SER A 36 -15.64 -11.46 29.72
C SER A 36 -14.77 -10.50 30.54
N SER A 37 -13.86 -11.06 31.30
CA SER A 37 -12.93 -10.28 32.11
C SER A 37 -11.59 -11.03 32.11
N ILE A 38 -10.48 -10.33 31.91
CA ILE A 38 -9.18 -11.03 31.76
C ILE A 38 -8.13 -10.60 32.77
N ASN A 39 -7.19 -11.48 33.06
CA ASN A 39 -6.04 -11.08 33.89
C ASN A 39 -5.03 -10.49 32.93
N LEU A 40 -4.59 -9.28 33.22
CA LEU A 40 -3.57 -8.62 32.39
C LEU A 40 -2.28 -8.69 33.14
N VAL A 41 -1.24 -9.17 32.49
CA VAL A 41 0.08 -9.37 33.16
C VAL A 41 1.22 -8.76 32.36
N GLY A 42 2.03 -7.95 33.03
CA GLY A 42 3.22 -7.35 32.43
C GLY A 42 2.97 -6.01 31.77
N GLU A 43 1.80 -5.41 31.98
CA GLU A 43 1.47 -4.11 31.33
C GLU A 43 2.28 -2.92 31.86
N GLU A 44 2.82 -2.98 33.08
CA GLU A 44 3.56 -1.82 33.59
C GLU A 44 4.96 -1.80 33.03
N GLU A 45 5.48 -2.95 32.58
CA GLU A 45 6.84 -3.02 31.99
C GLU A 45 6.82 -3.05 30.45
N ALA A 46 5.70 -3.44 29.89
CA ALA A 46 5.55 -3.67 28.45
C ALA A 46 5.45 -2.33 27.73
N ASP A 47 5.76 -2.35 26.46
CA ASP A 47 5.70 -1.16 25.58
C ASP A 47 4.38 -0.43 25.73
N GLU A 48 4.45 0.86 26.10
CA GLU A 48 3.28 1.76 26.36
C GLU A 48 2.30 1.72 25.18
N ASN A 49 2.80 1.78 23.94
CA ASN A 49 1.91 1.84 22.74
C ASN A 49 1.20 0.52 22.46
N ALA A 50 1.93 -0.57 22.63
CA ALA A 50 1.35 -1.93 22.56
C ALA A 50 0.19 -2.04 23.54
N VAL A 51 0.43 -1.69 24.79
CA VAL A 51 -0.57 -1.84 25.86
C VAL A 51 -1.81 -0.98 25.55
N ASN A 52 -1.61 0.26 25.15
CA ASN A 52 -2.75 1.13 24.73
C ASN A 52 -3.55 0.54 23.59
N ALA A 53 -2.88 0.03 22.55
CA ALA A 53 -3.58 -0.65 21.45
C ALA A 53 -4.42 -1.80 22.02
N LEU A 54 -3.82 -2.58 22.92
CA LEU A 54 -4.54 -3.71 23.55
C LEU A 54 -5.73 -3.23 24.38
N ARG A 55 -5.59 -2.16 25.13
CA ARG A 55 -6.68 -1.60 25.93
C ARG A 55 -7.84 -1.11 25.07
N GLU A 56 -7.57 -0.35 24.00
CA GLU A 56 -8.65 0.10 23.09
C GLU A 56 -9.44 -1.09 22.55
N PHE A 57 -8.74 -2.12 22.10
CA PHE A 57 -9.37 -3.33 21.55
C PHE A 57 -10.29 -3.99 22.59
N LEU A 58 -9.76 -4.15 23.79
CA LEU A 58 -10.51 -4.78 24.88
C LEU A 58 -11.77 -3.98 25.21
N THR A 59 -11.61 -2.68 25.40
CA THR A 59 -12.75 -1.79 25.65
C THR A 59 -13.80 -1.94 24.56
N ALA A 60 -13.39 -1.95 23.30
CA ALA A 60 -14.30 -1.99 22.14
C ALA A 60 -15.06 -3.31 22.07
N ASN A 61 -14.42 -4.38 22.49
CA ASN A 61 -15.04 -5.72 22.45
C ASN A 61 -15.63 -6.15 23.80
N ASN A 62 -15.79 -5.21 24.73
CA ASN A 62 -16.47 -5.40 26.04
C ASN A 62 -15.77 -6.48 26.85
N ILE A 63 -14.47 -6.33 27.00
CA ILE A 63 -13.68 -7.21 27.88
C ILE A 63 -13.09 -6.36 28.98
N GLU A 64 -13.59 -6.52 30.20
CA GLU A 64 -13.07 -5.79 31.37
C GLU A 64 -11.71 -6.42 31.73
N ILE A 65 -10.85 -5.63 32.37
CA ILE A 65 -9.56 -6.09 32.91
C ILE A 65 -9.72 -6.24 34.42
N ASN A 66 -9.38 -7.41 34.95
CA ASN A 66 -9.47 -7.68 36.40
C ASN A 66 -8.52 -6.76 37.17
N SER A 67 -8.93 -6.29 38.34
CA SER A 67 -8.09 -5.47 39.26
C SER A 67 -7.24 -6.38 40.13
N GLU A 68 -7.69 -7.63 40.30
CA GLU A 68 -6.99 -8.70 41.06
C GLU A 68 -7.00 -9.96 40.19
N ASN A 69 -6.10 -10.91 40.47
CA ASN A 69 -5.97 -12.17 39.69
C ASN A 69 -7.19 -13.07 39.95
N ASP A 70 -7.80 -13.60 38.90
CA ASP A 70 -8.96 -14.52 38.99
C ASP A 70 -8.62 -15.79 38.20
N PRO A 71 -8.47 -16.95 38.86
CA PRO A 71 -7.99 -18.16 38.19
C PRO A 71 -8.97 -18.72 37.14
N ASN A 72 -10.22 -18.29 37.18
CA ASN A 72 -11.27 -18.79 36.27
C ASN A 72 -11.42 -17.89 35.05
N SER A 73 -10.51 -16.95 34.84
CA SER A 73 -10.60 -15.98 33.72
C SER A 73 -9.34 -16.04 32.88
N THR A 74 -9.49 -15.82 31.59
CA THR A 74 -8.38 -15.86 30.63
C THR A 74 -7.27 -14.92 31.09
N THR A 75 -6.03 -15.28 30.81
CA THR A 75 -4.88 -14.49 31.26
C THR A 75 -4.12 -14.07 30.01
N LEU A 76 -3.77 -12.79 29.95
CA LEU A 76 -2.97 -12.24 28.84
C LEU A 76 -1.66 -11.75 29.40
N ILE A 77 -0.55 -12.30 28.92
CA ILE A 77 0.79 -11.85 29.36
C ILE A 77 1.43 -11.19 28.15
N ILE A 78 2.04 -10.05 28.38
CA ILE A 78 2.63 -9.22 27.31
C ILE A 78 3.94 -8.63 27.83
N GLY A 79 4.92 -8.44 26.94
CA GLY A 79 6.24 -7.92 27.34
C GLY A 79 7.30 -8.07 26.26
N GLU A 80 8.45 -7.43 26.48
CA GLU A 80 9.60 -7.50 25.54
C GLU A 80 10.59 -8.56 26.01
N VAL A 81 11.39 -9.06 25.08
CA VAL A 81 12.44 -10.02 25.45
C VAL A 81 13.22 -9.43 26.63
N ASP A 82 13.59 -8.16 26.48
CA ASP A 82 14.46 -7.45 27.42
C ASP A 82 13.76 -6.93 28.68
N ASP A 83 12.53 -7.35 28.91
CA ASP A 83 11.94 -7.27 30.26
C ASP A 83 12.20 -8.58 30.96
N ASP A 84 12.62 -8.47 32.23
CA ASP A 84 12.73 -9.66 33.10
C ASP A 84 11.36 -9.91 33.68
N ILE A 85 10.59 -10.69 32.95
CA ILE A 85 9.24 -11.15 33.38
C ILE A 85 9.14 -12.65 33.11
N PRO A 86 9.41 -13.48 34.15
CA PRO A 86 9.43 -14.94 34.00
C PRO A 86 8.09 -15.62 33.68
N GLU A 87 6.97 -15.06 34.16
CA GLU A 87 5.62 -15.61 33.91
C GLU A 87 5.39 -15.69 32.40
N LEU A 88 6.11 -14.85 31.65
CA LEU A 88 6.05 -14.82 30.16
C LEU A 88 6.84 -15.94 29.54
N ASP A 89 8.07 -16.16 29.97
CA ASP A 89 8.89 -17.29 29.51
C ASP A 89 8.17 -18.62 29.76
N GLU A 90 7.61 -18.78 30.95
CA GLU A 90 6.84 -19.99 31.30
C GLU A 90 5.71 -20.22 30.29
N ALA A 91 4.90 -19.18 30.01
CA ALA A 91 3.70 -19.30 29.15
C ALA A 91 4.01 -19.43 27.65
N LEU A 92 5.21 -19.12 27.19
CA LEU A 92 5.49 -19.29 25.76
C LEU A 92 5.78 -20.75 25.45
N ASN A 93 6.21 -21.49 26.45
CA ASN A 93 6.29 -22.96 26.36
C ASN A 93 7.31 -23.36 25.29
N GLY A 94 8.50 -22.80 25.40
CA GLY A 94 9.65 -23.18 24.58
C GLY A 94 9.79 -22.28 23.39
N THR A 95 8.74 -21.52 23.08
CA THR A 95 8.82 -20.52 21.99
C THR A 95 9.48 -19.27 22.53
N THR A 96 10.37 -18.68 21.74
CA THR A 96 11.06 -17.43 22.13
C THR A 96 11.09 -16.44 20.98
N ALA A 97 11.18 -15.17 21.33
CA ALA A 97 11.42 -14.07 20.38
C ALA A 97 12.86 -13.63 20.44
N GLU A 98 13.63 -14.19 21.35
CA GLU A 98 15.04 -13.78 21.59
C GLU A 98 15.88 -13.78 20.32
N ASN A 99 15.71 -14.81 19.51
CA ASN A 99 16.62 -15.06 18.37
C ASN A 99 16.13 -14.37 17.10
N LEU A 100 15.04 -13.63 17.14
CA LEU A 100 14.40 -13.10 15.91
C LEU A 100 14.97 -11.74 15.56
N LYS A 101 14.80 -11.33 14.32
CA LYS A 101 15.32 -10.01 13.89
C LYS A 101 14.44 -8.89 14.49
N GLU A 102 14.95 -7.67 14.53
CA GLU A 102 14.20 -6.55 15.12
C GLU A 102 12.78 -6.48 14.54
N GLU A 103 11.83 -6.12 15.38
CA GLU A 103 10.39 -5.99 15.02
C GLU A 103 9.74 -7.37 15.04
N GLY A 104 10.49 -8.42 15.30
CA GLY A 104 9.89 -9.75 15.44
C GLY A 104 9.09 -9.91 16.72
N TYR A 105 8.29 -10.98 16.78
CA TYR A 105 7.58 -11.29 18.04
C TYR A 105 7.24 -12.77 18.08
N ALA A 106 6.84 -13.20 19.27
CA ALA A 106 6.33 -14.56 19.48
C ALA A 106 4.96 -14.41 20.07
N LEU A 107 4.06 -15.27 19.65
CA LEU A 107 2.68 -15.28 20.21
C LEU A 107 2.28 -16.73 20.45
N VAL A 108 1.78 -17.00 21.66
CA VAL A 108 1.28 -18.35 22.00
C VAL A 108 -0.08 -18.19 22.68
N SER A 109 -1.10 -18.82 22.12
CA SER A 109 -2.42 -18.96 22.80
C SER A 109 -2.74 -20.44 23.01
N ASN A 110 -2.83 -20.90 24.25
CA ASN A 110 -2.99 -22.34 24.58
C ASN A 110 -3.49 -22.47 25.99
N ASP A 111 -4.50 -23.32 26.20
CA ASP A 111 -4.96 -23.67 27.56
C ASP A 111 -5.28 -22.41 28.37
N GLY A 112 -6.12 -21.54 27.81
CA GLY A 112 -6.63 -20.34 28.52
C GLY A 112 -5.61 -19.25 28.79
N LYS A 113 -4.48 -19.26 28.09
CA LYS A 113 -3.48 -18.16 28.21
C LYS A 113 -3.00 -17.65 26.86
N ILE A 114 -2.87 -16.34 26.75
CA ILE A 114 -2.28 -15.72 25.54
C ILE A 114 -1.04 -14.92 25.94
N ALA A 115 0.09 -15.26 25.36
CA ALA A 115 1.37 -14.62 25.71
C ALA A 115 1.92 -13.94 24.47
N ILE A 116 2.32 -12.69 24.61
CA ILE A 116 3.05 -11.98 23.53
C ILE A 116 4.40 -11.56 24.05
N GLU A 117 5.46 -11.99 23.35
CA GLU A 117 6.82 -11.52 23.64
C GLU A 117 7.44 -10.90 22.40
N GLY A 118 7.69 -9.61 22.46
CA GLY A 118 8.32 -8.91 21.33
C GLY A 118 9.84 -8.93 21.45
N LYS A 119 10.52 -9.10 20.32
CA LYS A 119 11.97 -8.89 20.24
C LYS A 119 12.27 -7.48 20.75
N ASP A 120 11.45 -6.52 20.36
CA ASP A 120 11.56 -5.16 20.90
C ASP A 120 10.15 -4.65 21.06
N GLY A 121 10.00 -3.38 21.40
CA GLY A 121 8.64 -2.80 21.53
C GLY A 121 7.87 -2.74 20.24
N ASP A 122 8.48 -2.25 19.16
CA ASP A 122 7.84 -2.30 17.82
C ASP A 122 7.26 -3.72 17.64
N GLY A 123 8.08 -4.72 17.94
CA GLY A 123 7.70 -6.14 17.88
C GLY A 123 6.49 -6.47 18.73
N THR A 124 6.47 -6.01 19.97
CA THR A 124 5.33 -6.28 20.86
C THR A 124 4.06 -5.66 20.32
N PHE A 125 4.14 -4.42 19.83
CA PHE A 125 2.99 -3.74 19.18
C PHE A 125 2.45 -4.60 18.01
N TYR A 126 3.34 -5.10 17.17
CA TYR A 126 2.91 -5.92 16.02
C TYR A 126 2.28 -7.22 16.52
N GLY A 127 2.87 -7.85 17.55
CA GLY A 127 2.22 -8.99 18.20
C GLY A 127 0.79 -8.74 18.65
N VAL A 128 0.53 -7.57 19.22
CA VAL A 128 -0.83 -7.15 19.58
C VAL A 128 -1.72 -7.01 18.34
N GLN A 129 -1.16 -6.49 17.25
CA GLN A 129 -1.97 -6.33 16.04
C GLN A 129 -2.46 -7.69 15.57
N THR A 130 -1.59 -8.69 15.62
CA THR A 130 -1.97 -10.05 15.19
C THR A 130 -2.99 -10.63 16.15
N PHE A 131 -2.79 -10.45 17.44
CA PHE A 131 -3.79 -10.79 18.46
C PHE A 131 -5.15 -10.19 18.10
N LYS A 132 -5.18 -8.89 17.80
CA LYS A 132 -6.43 -8.20 17.42
C LYS A 132 -7.08 -8.87 16.21
N GLN A 133 -6.27 -9.36 15.28
CA GLN A 133 -6.80 -9.96 14.04
C GLN A 133 -7.31 -11.38 14.28
N LEU A 134 -6.74 -12.12 15.22
CA LEU A 134 -7.11 -13.51 15.54
C LEU A 134 -8.44 -13.60 16.28
N VAL A 135 -8.81 -12.61 17.05
CA VAL A 135 -10.09 -12.66 17.81
C VAL A 135 -11.27 -12.18 16.97
N LYS A 136 -12.26 -13.05 16.87
CA LYS A 136 -13.62 -12.74 16.35
C LYS A 136 -14.61 -13.25 17.38
N GLU A 137 -15.44 -12.34 17.91
CA GLU A 137 -16.57 -12.64 18.80
C GLU A 137 -16.06 -13.40 20.03
N SER A 138 -14.92 -12.96 20.54
CA SER A 138 -14.31 -13.51 21.77
C SER A 138 -13.59 -14.84 21.61
N ASN A 139 -13.75 -15.48 20.46
CA ASN A 139 -13.09 -16.78 20.24
C ASN A 139 -11.71 -16.57 19.61
N ILE A 140 -10.75 -17.35 20.08
CA ILE A 140 -9.35 -17.29 19.56
C ILE A 140 -8.86 -18.71 19.27
N PRO A 141 -8.20 -18.94 18.12
CA PRO A 141 -7.54 -20.21 17.93
C PRO A 141 -6.39 -20.37 18.89
N GLU A 142 -6.02 -21.62 19.15
CA GLU A 142 -4.82 -21.92 19.94
C GLU A 142 -3.67 -22.16 18.98
N VAL A 143 -2.71 -21.24 18.97
CA VAL A 143 -1.63 -21.23 17.94
C VAL A 143 -0.26 -20.90 18.55
N ASN A 144 0.80 -21.32 17.88
CA ASN A 144 2.19 -20.96 18.24
C ASN A 144 2.69 -20.16 17.06
N ILE A 145 3.03 -18.91 17.28
CA ILE A 145 3.49 -17.99 16.20
C ILE A 145 4.85 -17.44 16.56
N THR A 146 5.77 -17.46 15.63
CA THR A 146 6.95 -16.60 15.64
C THR A 146 6.93 -15.88 14.32
N ASP A 147 7.15 -14.57 14.38
CA ASP A 147 6.94 -13.72 13.20
C ASP A 147 7.93 -12.54 13.17
N TYR A 148 8.29 -12.10 11.97
CA TYR A 148 9.33 -11.07 11.75
C TYR A 148 9.28 -10.65 10.28
N PRO A 149 9.68 -9.40 9.97
CA PRO A 149 9.56 -8.85 8.63
C PRO A 149 10.71 -9.23 7.70
N THR A 150 10.39 -9.34 6.42
CA THR A 150 11.42 -9.52 5.39
C THR A 150 12.20 -8.21 5.21
N VAL A 151 11.47 -7.14 4.99
CA VAL A 151 12.04 -5.77 4.78
C VAL A 151 11.90 -4.98 6.06
N SER A 152 12.97 -4.35 6.50
CA SER A 152 12.88 -3.57 7.76
C SER A 152 12.05 -2.29 7.64
N ALA A 153 12.00 -1.65 6.48
CA ALA A 153 11.23 -0.40 6.34
C ALA A 153 10.13 -0.58 5.30
N ARG A 154 8.89 -0.34 5.68
CA ARG A 154 7.71 -0.69 4.89
C ARG A 154 6.68 0.43 5.07
N GLY A 155 6.18 0.96 3.99
CA GLY A 155 5.14 1.98 4.14
C GLY A 155 4.82 2.75 2.92
N ILE A 156 4.49 4.03 3.09
CA ILE A 156 3.83 4.88 2.10
C ILE A 156 4.66 6.15 1.93
N VAL A 157 4.82 6.59 0.71
CA VAL A 157 5.28 7.97 0.45
C VAL A 157 4.09 8.74 -0.10
N GLU A 158 3.60 9.72 0.64
CA GLU A 158 2.57 10.63 0.11
C GLU A 158 3.33 11.63 -0.73
N GLY A 159 3.54 11.28 -2.00
CA GLY A 159 4.38 12.08 -2.93
C GLY A 159 3.78 12.29 -4.30
N PHE A 160 2.46 12.13 -4.39
CA PHE A 160 1.74 12.29 -5.66
C PHE A 160 1.45 13.76 -5.92
N TYR A 161 1.01 14.03 -7.16
CA TYR A 161 0.54 15.36 -7.60
C TYR A 161 -0.96 15.40 -7.43
N GLY A 162 -1.49 16.61 -7.29
CA GLY A 162 -2.94 16.80 -7.11
C GLY A 162 -3.31 17.10 -5.68
N THR A 163 -4.60 17.04 -5.40
CA THR A 163 -5.19 17.34 -4.06
C THR A 163 -4.53 16.52 -2.94
N PRO A 164 -3.70 17.16 -2.09
CA PRO A 164 -3.09 16.46 -0.96
C PRO A 164 -4.16 15.87 -0.06
N TRP A 165 -3.80 14.78 0.61
CA TRP A 165 -4.68 14.17 1.64
C TRP A 165 -5.06 15.23 2.68
N THR A 166 -6.24 15.06 3.24
CA THR A 166 -6.68 15.95 4.34
C THR A 166 -6.02 15.49 5.63
N HIS A 167 -6.14 16.31 6.66
CA HIS A 167 -5.70 15.90 8.03
C HIS A 167 -6.41 14.61 8.45
N GLN A 168 -7.74 14.51 8.29
CA GLN A 168 -8.46 13.27 8.68
C GLN A 168 -8.06 12.08 7.81
N ASP A 169 -7.73 12.31 6.55
CA ASP A 169 -7.26 11.23 5.66
C ASP A 169 -5.99 10.60 6.25
N ARG A 170 -5.05 11.45 6.63
CA ARG A 170 -3.73 11.02 7.11
C ARG A 170 -3.80 10.34 8.47
N LEU A 171 -4.60 10.87 9.38
CA LEU A 171 -4.75 10.22 10.70
C LEU A 171 -5.37 8.84 10.53
N ASP A 172 -6.38 8.70 9.67
CA ASP A 172 -6.98 7.37 9.37
C ASP A 172 -5.93 6.47 8.72
N GLN A 173 -5.17 6.98 7.77
CA GLN A 173 -4.10 6.20 7.11
C GLN A 173 -3.10 5.64 8.15
N ILE A 174 -2.70 6.48 9.08
CA ILE A 174 -1.66 6.12 10.07
C ILE A 174 -2.12 4.99 10.98
N LYS A 175 -3.37 5.03 11.41
CA LYS A 175 -4.00 3.98 12.22
C LYS A 175 -4.03 2.73 11.36
N PHE A 176 -4.29 2.88 10.08
CA PHE A 176 -4.36 1.73 9.15
C PHE A 176 -2.99 1.07 8.98
N TYR A 177 -1.92 1.85 8.85
CA TYR A 177 -0.56 1.30 8.75
C TYR A 177 -0.24 0.44 9.96
N GLY A 178 -0.42 0.95 11.16
CA GLY A 178 -0.11 0.21 12.38
C GLY A 178 -0.84 -1.11 12.43
N GLU A 179 -2.10 -1.13 12.00
CA GLU A 179 -2.88 -2.37 12.02
C GLU A 179 -2.34 -3.40 11.03
N ASN A 180 -1.56 -2.94 10.05
CA ASN A 180 -1.06 -3.83 8.98
C ASN A 180 0.48 -3.89 8.99
N LYS A 181 1.05 -3.43 10.11
CA LYS A 181 2.49 -3.52 10.41
C LYS A 181 3.36 -2.74 9.40
N LEU A 182 2.80 -1.71 8.81
CA LEU A 182 3.58 -0.79 7.98
C LEU A 182 4.16 0.24 8.92
N ASN A 183 5.46 0.50 8.79
CA ASN A 183 6.17 1.29 9.83
C ASN A 183 6.71 2.61 9.34
N THR A 184 6.31 3.01 8.13
CA THR A 184 6.89 4.19 7.48
C THR A 184 5.81 5.04 6.79
N TYR A 185 5.89 6.35 6.96
CA TYR A 185 5.04 7.29 6.21
C TYR A 185 5.86 8.50 5.89
N ILE A 186 6.01 8.76 4.61
CA ILE A 186 6.83 9.91 4.17
C ILE A 186 5.89 11.00 3.75
N TYR A 187 6.03 12.13 4.42
CA TYR A 187 5.25 13.32 4.07
C TYR A 187 6.00 14.07 2.97
N ALA A 188 5.45 14.05 1.75
CA ALA A 188 6.06 14.77 0.59
C ALA A 188 5.02 15.15 -0.47
N PRO A 189 3.89 15.76 -0.11
CA PRO A 189 2.90 16.03 -1.14
C PRO A 189 3.36 17.14 -2.10
N LYS A 190 3.31 16.85 -3.39
CA LYS A 190 3.93 17.74 -4.39
C LYS A 190 3.29 19.11 -4.35
N ASP A 191 2.02 19.13 -4.01
CA ASP A 191 1.26 20.39 -4.12
C ASP A 191 1.13 21.07 -2.77
N ASP A 192 1.78 20.56 -1.73
CA ASP A 192 1.92 21.37 -0.50
C ASP A 192 2.92 22.47 -0.80
N PRO A 193 2.50 23.75 -0.81
CA PRO A 193 3.47 24.79 -1.16
C PRO A 193 4.72 24.80 -0.26
N TYR A 194 4.59 24.44 1.01
CA TYR A 194 5.71 24.45 1.96
C TYR A 194 6.64 23.24 1.83
N HIS A 195 6.21 22.24 1.10
CA HIS A 195 7.06 21.09 0.84
C HIS A 195 8.05 21.37 -0.28
N ARG A 196 7.63 22.15 -1.28
CA ARG A 196 8.42 22.28 -2.54
C ARG A 196 8.41 23.67 -3.15
N GLU A 197 7.27 24.12 -3.68
CA GLU A 197 7.14 25.44 -4.35
C GLU A 197 7.79 26.53 -3.49
N LYS A 198 7.57 26.45 -2.18
CA LYS A 198 8.06 27.45 -1.21
C LYS A 198 8.75 26.79 -0.01
N TRP A 199 9.61 25.82 -0.30
CA TRP A 199 10.25 24.99 0.75
C TRP A 199 10.96 25.78 1.86
N ARG A 200 11.32 27.04 1.64
CA ARG A 200 12.06 27.82 2.66
C ARG A 200 11.13 28.31 3.75
N GLU A 201 9.87 28.55 3.39
CA GLU A 201 8.92 29.22 4.30
C GLU A 201 8.55 28.29 5.45
N PRO A 202 8.54 28.78 6.72
CA PRO A 202 8.09 27.94 7.83
C PRO A 202 6.58 27.73 7.78
N TYR A 203 6.17 26.56 8.26
CA TYR A 203 4.76 26.21 8.46
C TYR A 203 4.13 27.23 9.40
N PRO A 204 2.94 27.77 9.07
CA PRO A 204 2.18 28.61 10.00
C PRO A 204 1.83 27.87 11.28
N GLU A 205 1.48 28.60 12.33
CA GLU A 205 1.20 28.02 13.67
C GLU A 205 0.13 26.93 13.62
N SER A 206 -0.94 27.18 12.88
CA SER A 206 -2.10 26.25 12.88
C SER A 206 -1.76 24.96 12.15
N GLU A 207 -0.97 25.05 11.10
CA GLU A 207 -0.46 23.87 10.38
C GLU A 207 0.47 23.07 11.28
N MET A 208 1.30 23.74 12.05
CA MET A 208 2.16 23.07 13.04
C MET A 208 1.33 22.34 14.09
N GLN A 209 0.16 22.85 14.46
CA GLN A 209 -0.72 22.08 15.37
C GLN A 209 -1.25 20.81 14.68
N ARG A 210 -1.60 20.90 13.40
CA ARG A 210 -2.02 19.68 12.70
C ARG A 210 -0.83 18.70 12.63
N MET A 211 0.37 19.21 12.40
CA MET A 211 1.59 18.39 12.32
C MET A 211 1.78 17.58 13.59
N GLN A 212 1.79 18.28 14.73
CA GLN A 212 1.94 17.66 16.06
C GLN A 212 0.99 16.49 16.20
N GLU A 213 -0.26 16.67 15.80
CA GLU A 213 -1.24 15.58 15.87
C GLU A 213 -0.80 14.36 15.06
N LEU A 214 -0.32 14.59 13.84
CA LEU A 214 0.13 13.47 12.95
C LEU A 214 1.33 12.74 13.51
N ILE A 215 2.27 13.54 14.04
CA ILE A 215 3.46 12.97 14.69
C ILE A 215 3.09 12.07 15.86
N ASN A 216 2.23 12.58 16.73
CA ASN A 216 1.74 11.85 17.92
C ASN A 216 1.07 10.56 17.52
N ALA A 217 0.20 10.60 16.51
CA ALA A 217 -0.54 9.42 16.04
C ALA A 217 0.44 8.43 15.44
N SER A 218 1.48 8.93 14.78
CA SER A 218 2.51 8.07 14.17
C SER A 218 3.23 7.27 15.25
N ALA A 219 3.69 7.97 16.29
CA ALA A 219 4.36 7.34 17.42
C ALA A 219 3.41 6.33 18.07
N GLU A 220 2.16 6.69 18.20
CA GLU A 220 1.12 5.83 18.81
C GLU A 220 1.00 4.51 18.06
N ASN A 221 1.30 4.51 16.77
CA ASN A 221 1.07 3.35 15.90
C ASN A 221 2.36 2.80 15.32
N LYS A 222 3.48 3.25 15.85
CA LYS A 222 4.81 2.70 15.55
C LYS A 222 5.23 3.03 14.14
N VAL A 223 4.70 4.11 13.63
CA VAL A 223 5.02 4.57 12.27
C VAL A 223 6.11 5.61 12.39
N ASP A 224 7.15 5.45 11.57
CA ASP A 224 8.24 6.45 11.45
C ASP A 224 7.77 7.57 10.54
N PHE A 225 7.49 8.73 11.11
CA PHE A 225 6.97 9.83 10.30
C PHE A 225 8.19 10.51 9.71
N VAL A 226 8.27 10.47 8.40
CA VAL A 226 9.42 11.05 7.69
C VAL A 226 8.94 12.38 7.16
N PHE A 227 9.65 13.43 7.55
CA PHE A 227 9.37 14.78 7.01
C PHE A 227 10.23 15.02 5.78
N GLY A 228 9.56 15.14 4.65
CA GLY A 228 10.22 15.40 3.36
C GLY A 228 10.32 16.87 3.02
N ILE A 229 11.31 17.19 2.24
CA ILE A 229 11.56 18.58 1.78
C ILE A 229 12.07 18.43 0.36
N SER A 230 11.61 19.31 -0.54
CA SER A 230 12.02 19.27 -1.98
C SER A 230 12.51 20.64 -2.42
N PRO A 231 13.78 20.95 -2.17
CA PRO A 231 14.30 22.29 -2.46
C PRO A 231 14.96 22.46 -3.84
N GLY A 232 14.90 21.42 -4.66
CA GLY A 232 15.58 21.41 -5.97
C GLY A 232 14.99 22.38 -6.99
N ILE A 233 13.81 22.89 -6.69
CA ILE A 233 13.14 23.90 -7.55
C ILE A 233 14.02 25.13 -7.69
N ASP A 234 14.52 25.68 -6.60
CA ASP A 234 15.21 26.98 -6.64
C ASP A 234 16.36 27.11 -5.64
N ILE A 235 16.84 26.01 -5.09
CA ILE A 235 17.92 26.07 -4.07
C ILE A 235 19.19 26.61 -4.72
N ARG A 236 19.87 27.48 -4.00
CA ARG A 236 21.24 27.98 -4.31
C ARG A 236 22.28 27.16 -3.54
N PHE A 237 23.39 26.83 -4.19
CA PHE A 237 24.39 25.93 -3.58
C PHE A 237 25.64 26.66 -3.07
N ASP A 238 26.04 27.77 -3.69
CA ASP A 238 27.40 28.34 -3.48
C ASP A 238 27.42 29.64 -2.66
N GLY A 239 28.57 29.91 -2.05
CA GLY A 239 28.81 31.13 -1.26
C GLY A 239 27.76 31.40 -0.19
N ASP A 240 27.54 32.69 0.06
CA ASP A 240 26.61 33.12 1.13
C ASP A 240 25.22 32.56 0.86
N ALA A 241 24.84 32.44 -0.40
CA ALA A 241 23.47 32.07 -0.77
C ALA A 241 23.28 30.60 -0.41
N GLY A 242 24.32 29.80 -0.67
CA GLY A 242 24.26 28.36 -0.39
C GLY A 242 24.31 28.08 1.06
N GLU A 243 25.09 28.85 1.83
CA GLU A 243 25.02 28.84 3.31
C GLU A 243 23.61 29.07 3.81
N GLU A 244 23.03 30.16 3.35
CA GLU A 244 21.73 30.64 3.82
C GLU A 244 20.67 29.60 3.45
N ASP A 245 20.78 29.05 2.26
CA ASP A 245 19.78 28.07 1.80
C ASP A 245 19.94 26.79 2.57
N PHE A 246 21.18 26.38 2.76
CA PHE A 246 21.45 25.24 3.66
C PHE A 246 20.87 25.44 5.07
N ASN A 247 21.10 26.60 5.69
CA ASN A 247 20.55 26.90 7.03
C ASN A 247 19.02 26.89 7.04
N HIS A 248 18.38 27.07 5.89
CA HIS A 248 16.92 27.01 5.80
C HIS A 248 16.45 25.57 5.96
N LEU A 249 17.16 24.63 5.34
CA LEU A 249 16.96 23.20 5.59
C LEU A 249 17.12 22.89 7.07
N ILE A 250 18.19 23.36 7.69
CA ILE A 250 18.45 23.11 9.13
C ILE A 250 17.29 23.65 9.96
N THR A 251 16.92 24.90 9.73
CA THR A 251 15.88 25.56 10.52
C THR A 251 14.58 24.78 10.41
N LYS A 252 14.26 24.36 9.21
CA LYS A 252 12.99 23.69 8.95
C LYS A 252 12.99 22.30 9.61
N ALA A 253 14.02 21.51 9.38
CA ALA A 253 14.15 20.19 10.02
C ALA A 253 14.19 20.34 11.55
N GLU A 254 14.86 21.38 12.04
CA GLU A 254 14.96 21.58 13.51
C GLU A 254 13.58 21.76 14.13
N SER A 255 12.75 22.55 13.48
CA SER A 255 11.42 22.94 14.02
C SER A 255 10.51 21.73 13.99
N LEU A 256 10.78 20.80 13.09
CA LEU A 256 10.05 19.52 13.10
C LEU A 256 10.70 18.49 14.02
N TYR A 257 12.02 18.51 14.14
CA TYR A 257 12.68 17.71 15.16
C TYR A 257 12.13 18.05 16.53
N ASP A 258 11.96 19.33 16.79
CA ASP A 258 11.54 19.85 18.10
C ASP A 258 10.11 19.44 18.41
N MET A 259 9.36 18.96 17.44
CA MET A 259 8.01 18.43 17.69
C MET A 259 7.97 16.91 17.81
N GLY A 260 9.10 16.25 17.50
CA GLY A 260 9.24 14.78 17.63
C GLY A 260 9.58 14.01 16.37
N VAL A 261 9.89 14.68 15.26
CA VAL A 261 10.22 13.98 14.01
C VAL A 261 11.62 13.41 14.11
N ARG A 262 11.78 12.16 13.69
CA ARG A 262 13.09 11.49 13.83
C ARG A 262 13.52 10.87 12.51
N SER A 263 12.86 11.21 11.42
CA SER A 263 13.26 10.78 10.07
C SER A 263 13.17 11.94 9.11
N PHE A 264 14.14 12.03 8.23
CA PHE A 264 14.14 13.15 7.26
C PHE A 264 14.45 12.67 5.87
N ALA A 265 13.89 13.35 4.89
CA ALA A 265 14.11 13.06 3.47
C ALA A 265 14.36 14.38 2.74
N ILE A 266 15.33 14.37 1.84
CA ILE A 266 15.59 15.51 0.94
C ILE A 266 15.54 15.02 -0.49
N TYR A 267 14.59 15.53 -1.26
CA TYR A 267 14.29 14.96 -2.60
C TYR A 267 14.73 15.89 -3.72
N TRP A 268 15.25 15.26 -4.78
CA TRP A 268 15.71 15.99 -5.98
C TRP A 268 14.94 15.61 -7.23
N ASP A 269 13.86 14.85 -7.13
CA ASP A 269 13.09 14.36 -8.33
C ASP A 269 12.28 15.45 -9.03
N ASN A 270 12.16 15.34 -10.37
CA ASN A 270 11.38 16.27 -11.23
C ASN A 270 11.82 17.74 -11.13
N ILE A 271 13.11 17.99 -11.26
CA ILE A 271 13.63 19.37 -11.22
C ILE A 271 14.52 19.56 -12.44
N GLN A 272 14.78 20.81 -12.78
CA GLN A 272 15.56 21.11 -14.00
C GLN A 272 17.05 21.02 -13.68
N ASP A 273 17.46 21.48 -12.50
CA ASP A 273 18.88 21.50 -12.12
C ASP A 273 19.36 20.08 -11.89
N LYS A 274 20.45 19.74 -12.57
CA LYS A 274 21.02 18.37 -12.49
C LYS A 274 22.46 18.39 -11.97
N SER A 275 22.77 19.32 -11.07
CA SER A 275 24.07 19.40 -10.38
C SER A 275 24.28 18.24 -9.37
N ALA A 276 24.63 17.06 -9.90
CA ALA A 276 24.81 15.83 -9.10
C ALA A 276 25.70 16.05 -7.89
N ALA A 277 26.81 16.74 -8.06
CA ALA A 277 27.80 16.89 -6.98
C ALA A 277 27.19 17.74 -5.86
N LYS A 278 26.49 18.82 -6.27
CA LYS A 278 25.96 19.76 -5.27
C LYS A 278 24.82 19.12 -4.49
N HIS A 279 23.99 18.35 -5.17
CA HIS A 279 22.90 17.58 -4.55
C HIS A 279 23.48 16.68 -3.48
N ALA A 280 24.49 15.89 -3.86
CA ALA A 280 25.04 14.90 -2.93
C ALA A 280 25.77 15.61 -1.79
N GLN A 281 26.33 16.79 -2.06
CA GLN A 281 27.13 17.42 -0.99
C GLN A 281 26.17 17.96 0.05
N VAL A 282 25.01 18.45 -0.37
CA VAL A 282 24.00 18.95 0.58
C VAL A 282 23.56 17.83 1.49
N LEU A 283 23.34 16.66 0.91
CA LEU A 283 22.95 15.46 1.67
C LEU A 283 23.98 15.12 2.74
N ASN A 284 25.24 15.01 2.33
CA ASN A 284 26.37 14.67 3.22
C ASN A 284 26.51 15.68 4.35
N ARG A 285 26.25 16.95 4.04
CA ARG A 285 26.46 18.00 5.01
C ARG A 285 25.36 17.93 6.07
N PHE A 286 24.16 17.69 5.60
CA PHE A 286 22.98 17.52 6.45
C PHE A 286 23.10 16.23 7.27
N ASN A 287 23.63 15.19 6.63
CA ASN A 287 23.82 13.92 7.32
C ASN A 287 24.81 14.09 8.46
N GLU A 288 25.88 14.88 8.27
CA GLU A 288 26.89 15.11 9.34
C GLU A 288 26.45 16.18 10.33
N GLU A 289 25.95 17.32 9.89
CA GLU A 289 25.65 18.41 10.86
C GLU A 289 24.29 18.26 11.51
N PHE A 290 23.46 17.36 11.00
CA PHE A 290 22.12 17.17 11.58
C PHE A 290 21.85 15.74 12.04
N VAL A 291 21.76 14.81 11.11
CA VAL A 291 21.37 13.41 11.43
C VAL A 291 22.34 12.81 12.43
N LYS A 292 23.63 12.84 12.14
CA LYS A 292 24.61 12.23 13.05
C LYS A 292 24.75 13.03 14.35
N ALA A 293 24.77 14.34 14.28
CA ALA A 293 24.93 15.21 15.47
C ALA A 293 23.83 14.93 16.49
N LYS A 294 22.61 14.81 16.00
CA LYS A 294 21.44 14.56 16.88
C LYS A 294 21.53 13.17 17.54
N GLY A 295 22.01 12.18 16.79
CA GLY A 295 22.32 10.87 17.37
C GLY A 295 21.15 9.95 17.54
N ASP A 296 19.93 10.46 17.41
CA ASP A 296 18.71 9.64 17.64
C ASP A 296 17.77 9.77 16.44
N VAL A 297 18.34 10.24 15.35
CA VAL A 297 17.62 10.45 14.09
C VAL A 297 18.00 9.34 13.15
N LYS A 298 17.02 8.81 12.45
CA LYS A 298 17.18 7.64 11.57
C LYS A 298 17.91 8.08 10.30
N PRO A 299 18.40 7.09 9.51
CA PRO A 299 19.13 7.42 8.29
C PRO A 299 18.38 8.32 7.30
N LEU A 300 19.09 9.31 6.78
CA LEU A 300 18.60 10.27 5.76
C LEU A 300 18.13 9.55 4.50
N ILE A 301 16.97 9.95 4.00
CA ILE A 301 16.39 9.40 2.77
C ILE A 301 16.57 10.44 1.67
N THR A 302 16.82 9.94 0.45
CA THR A 302 16.85 10.80 -0.75
C THR A 302 16.31 10.09 -2.00
N VAL A 303 15.96 10.90 -3.01
CA VAL A 303 15.76 10.46 -4.42
C VAL A 303 16.57 11.39 -5.31
N PRO A 304 17.42 10.81 -6.20
CA PRO A 304 18.17 11.60 -7.17
C PRO A 304 17.27 12.10 -8.29
N THR A 305 17.73 13.15 -8.97
CA THR A 305 17.03 13.71 -10.14
C THR A 305 16.83 12.66 -11.23
N GLU A 306 17.76 11.71 -11.33
CA GLU A 306 17.55 10.50 -12.17
C GLU A 306 17.18 9.34 -11.27
N TYR A 307 15.98 8.80 -11.42
CA TYR A 307 15.38 7.91 -10.40
C TYR A 307 14.66 6.70 -10.98
N ASP A 308 14.70 6.52 -12.29
CA ASP A 308 14.30 5.23 -12.91
C ASP A 308 15.46 4.71 -13.74
N THR A 309 15.58 3.39 -13.84
CA THR A 309 16.67 2.74 -14.56
C THR A 309 16.89 3.38 -15.93
N GLY A 310 15.80 3.62 -16.66
CA GLY A 310 15.85 4.26 -17.98
C GLY A 310 16.60 5.55 -17.97
N ALA A 311 16.35 6.41 -16.99
CA ALA A 311 17.01 7.73 -16.88
C ALA A 311 18.39 7.64 -16.21
N MET A 312 18.70 6.49 -15.61
CA MET A 312 19.89 6.34 -14.76
C MET A 312 20.98 5.60 -15.53
N VAL A 313 20.56 4.74 -16.44
CA VAL A 313 21.52 3.76 -17.02
C VAL A 313 21.38 3.72 -18.52
N SER A 314 22.53 3.64 -19.20
CA SER A 314 22.66 3.56 -20.65
C SER A 314 23.66 2.47 -21.02
N ASN A 315 23.19 1.45 -21.74
CA ASN A 315 24.03 0.29 -22.16
C ASN A 315 24.76 -0.32 -20.94
N GLY A 316 24.04 -0.52 -19.84
CA GLY A 316 24.57 -1.23 -18.65
C GLY A 316 25.48 -0.40 -17.78
N GLN A 317 25.72 0.84 -18.17
CA GLN A 317 26.67 1.76 -17.50
C GLN A 317 25.93 3.00 -17.03
N PRO A 318 26.25 3.49 -15.79
CA PRO A 318 25.54 4.65 -15.23
C PRO A 318 25.71 5.90 -16.08
N ARG A 319 24.70 6.74 -16.12
CA ARG A 319 24.76 8.06 -16.75
C ARG A 319 25.59 9.01 -15.88
N ALA A 320 25.88 10.17 -16.45
CA ALA A 320 26.74 11.19 -15.83
C ALA A 320 26.27 11.51 -14.41
N TYR A 321 25.01 11.92 -14.30
CA TYR A 321 24.45 12.38 -13.01
C TYR A 321 24.60 11.26 -11.99
N THR A 322 24.00 10.11 -12.34
CA THR A 322 24.00 8.92 -11.47
C THR A 322 25.43 8.59 -11.04
N ARG A 323 26.39 8.47 -11.97
CA ARG A 323 27.76 8.06 -11.61
C ARG A 323 28.35 8.97 -10.52
N ILE A 324 28.21 10.26 -10.74
CA ILE A 324 28.79 11.23 -9.79
C ILE A 324 28.02 11.18 -8.49
N PHE A 325 26.70 11.19 -8.55
CA PHE A 325 25.85 11.11 -7.34
C PHE A 325 26.18 9.88 -6.49
N ALA A 326 26.27 8.69 -7.11
CA ALA A 326 26.63 7.44 -6.41
C ALA A 326 28.02 7.55 -5.76
N GLU A 327 28.95 8.14 -6.48
CA GLU A 327 30.36 8.32 -6.05
C GLU A 327 30.39 9.16 -4.78
N THR A 328 29.57 10.20 -4.71
CA THR A 328 29.64 11.21 -3.63
C THR A 328 28.75 10.86 -2.43
N VAL A 329 27.51 10.41 -2.68
CA VAL A 329 26.58 10.25 -1.55
C VAL A 329 27.12 9.25 -0.52
N ASP A 330 27.12 9.69 0.73
CA ASP A 330 27.53 8.85 1.87
C ASP A 330 26.76 7.53 1.88
N PRO A 331 27.47 6.41 2.15
CA PRO A 331 26.87 5.09 2.23
C PRO A 331 25.68 4.93 3.19
N SER A 332 25.58 5.81 4.17
CA SER A 332 24.56 5.64 5.22
C SER A 332 23.19 6.15 4.77
N ILE A 333 23.19 6.95 3.70
CA ILE A 333 21.94 7.56 3.18
C ILE A 333 21.11 6.57 2.36
N GLU A 334 19.83 6.43 2.68
CA GLU A 334 18.94 5.62 1.83
C GLU A 334 18.68 6.35 0.52
N VAL A 335 18.82 5.62 -0.58
CA VAL A 335 18.59 6.18 -1.92
C VAL A 335 17.42 5.42 -2.55
N MET A 336 16.43 6.14 -3.02
CA MET A 336 15.25 5.51 -3.61
C MET A 336 15.33 5.56 -5.14
N TRP A 337 14.74 4.54 -5.78
CA TRP A 337 14.50 4.52 -7.23
C TRP A 337 13.20 3.80 -7.52
N THR A 338 12.54 4.12 -8.62
CA THR A 338 11.20 3.63 -8.92
C THR A 338 11.21 2.31 -9.69
N GLY A 339 12.38 1.80 -10.05
CA GLY A 339 12.50 0.60 -10.87
C GLY A 339 12.82 0.93 -12.33
N PRO A 340 12.55 0.01 -13.27
CA PRO A 340 12.97 0.18 -14.68
C PRO A 340 12.44 1.39 -15.43
N GLY A 341 11.25 1.86 -15.05
CA GLY A 341 10.66 3.11 -15.55
C GLY A 341 10.02 3.83 -14.40
N VAL A 342 9.50 5.02 -14.66
CA VAL A 342 8.76 5.78 -13.63
C VAL A 342 7.53 4.96 -13.23
N VAL A 343 6.75 4.51 -14.22
CA VAL A 343 5.62 3.58 -13.98
C VAL A 343 5.84 2.45 -14.94
N THR A 344 5.99 1.24 -14.42
CA THR A 344 6.53 0.12 -15.21
C THR A 344 5.87 -1.15 -14.71
N ASN A 345 5.80 -2.20 -15.53
CA ASN A 345 5.12 -3.48 -15.14
C ASN A 345 5.84 -4.17 -14.00
N GLU A 346 7.17 -4.16 -14.01
CA GLU A 346 7.92 -5.11 -13.19
C GLU A 346 9.16 -4.49 -12.60
N ILE A 347 9.56 -5.02 -11.46
CA ILE A 347 10.97 -4.82 -11.03
C ILE A 347 11.54 -6.22 -10.87
N PRO A 348 12.18 -6.73 -11.93
CA PRO A 348 12.84 -8.01 -11.78
C PRO A 348 14.11 -7.90 -10.94
N LEU A 349 14.46 -9.00 -10.30
CA LEU A 349 15.70 -9.12 -9.49
C LEU A 349 16.90 -8.48 -10.18
N SER A 350 17.09 -8.76 -11.46
CA SER A 350 18.23 -8.28 -12.24
C SER A 350 18.29 -6.75 -12.29
N ASP A 351 17.15 -6.07 -12.24
CA ASP A 351 17.14 -4.57 -12.17
C ASP A 351 17.64 -4.03 -10.84
N ALA A 352 17.15 -4.59 -9.73
CA ALA A 352 17.64 -4.23 -8.38
C ALA A 352 19.12 -4.56 -8.23
N GLN A 353 19.57 -5.64 -8.86
CA GLN A 353 20.99 -6.04 -8.80
C GLN A 353 21.86 -4.96 -9.45
N LEU A 354 21.46 -4.53 -10.64
CA LEU A 354 22.19 -3.51 -11.40
C LEU A 354 22.33 -2.22 -10.57
N ILE A 355 21.20 -1.71 -10.10
CA ILE A 355 21.12 -0.39 -9.43
C ILE A 355 21.78 -0.46 -8.06
N SER A 356 21.52 -1.52 -7.31
CA SER A 356 22.24 -1.75 -6.03
C SER A 356 23.74 -1.75 -6.29
N GLY A 357 24.17 -2.20 -7.47
CA GLY A 357 25.57 -2.27 -7.87
C GLY A 357 26.18 -0.90 -8.09
N ILE A 358 25.45 -0.04 -8.80
CA ILE A 358 25.88 1.35 -9.04
C ILE A 358 26.04 2.07 -7.69
N TYR A 359 25.13 1.86 -6.76
CA TYR A 359 25.20 2.57 -5.47
C TYR A 359 25.99 1.83 -4.38
N ASP A 360 26.53 0.67 -4.67
CA ASP A 360 27.27 -0.16 -3.68
C ASP A 360 26.53 -0.11 -2.33
N ARG A 361 25.21 -0.34 -2.36
CA ARG A 361 24.35 -0.36 -1.15
C ARG A 361 22.97 -0.95 -1.38
N ASN A 362 22.29 -1.36 -0.31
CA ASN A 362 20.87 -1.76 -0.42
C ASN A 362 19.97 -0.56 -0.73
N MET A 363 19.11 -0.71 -1.71
CA MET A 363 18.27 0.39 -2.23
C MET A 363 16.91 0.43 -1.51
N ALA A 364 16.26 1.57 -1.73
CA ALA A 364 14.86 1.83 -1.37
C ALA A 364 14.05 1.97 -2.63
N VAL A 365 12.82 1.44 -2.59
CA VAL A 365 11.90 1.47 -3.73
C VAL A 365 10.87 2.57 -3.53
N TRP A 366 10.65 3.37 -4.55
CA TRP A 366 9.54 4.31 -4.60
C TRP A 366 8.65 3.73 -5.65
N TRP A 367 7.62 3.02 -5.24
CA TRP A 367 6.74 2.28 -6.17
C TRP A 367 5.51 3.11 -6.52
N ASN A 368 5.46 3.58 -7.76
CA ASN A 368 4.37 4.39 -8.32
C ASN A 368 3.18 3.52 -8.73
N TYR A 369 2.57 2.94 -7.72
CA TYR A 369 1.28 2.25 -7.80
C TYR A 369 0.83 2.17 -6.36
N PRO A 370 -0.43 2.51 -6.03
CA PRO A 370 -1.52 2.87 -6.96
C PRO A 370 -1.67 4.34 -7.36
N VAL A 371 -0.66 5.18 -7.21
CA VAL A 371 -0.75 6.59 -7.65
C VAL A 371 -1.45 6.68 -9.01
N THR A 372 -2.32 7.67 -9.16
CA THR A 372 -3.05 7.89 -10.43
C THR A 372 -3.00 9.34 -10.88
N ASP A 373 -2.01 10.11 -10.47
CA ASP A 373 -2.02 11.56 -10.84
C ASP A 373 -1.77 11.77 -12.33
N TYR A 374 -1.31 10.73 -13.03
CA TYR A 374 -0.96 10.76 -14.46
C TYR A 374 -2.14 10.33 -15.34
N PHE A 375 -3.23 9.89 -14.72
CA PHE A 375 -4.41 9.34 -15.40
C PHE A 375 -5.57 9.26 -14.42
N LYS A 376 -6.07 10.43 -14.06
CA LYS A 376 -6.92 10.61 -12.87
C LYS A 376 -8.30 10.00 -13.05
N GLY A 377 -8.64 9.53 -14.24
CA GLY A 377 -10.00 9.01 -14.49
C GLY A 377 -10.15 7.60 -13.97
N LYS A 378 -9.05 6.89 -13.79
CA LYS A 378 -9.10 5.50 -13.36
C LYS A 378 -8.71 5.36 -11.89
N LEU A 379 -9.36 4.41 -11.23
CA LEU A 379 -8.93 3.93 -9.92
C LEU A 379 -7.93 2.79 -10.09
N ALA A 380 -6.88 2.79 -9.28
CA ALA A 380 -5.92 1.69 -9.21
C ALA A 380 -6.29 0.86 -8.00
N LEU A 381 -6.91 -0.30 -8.24
CA LEU A 381 -7.49 -1.13 -7.16
C LEU A 381 -6.91 -2.54 -7.15
N GLY A 382 -5.74 -2.73 -7.74
CA GLY A 382 -5.12 -4.05 -7.82
C GLY A 382 -4.01 -4.25 -6.79
N PRO A 383 -3.44 -5.46 -6.76
CA PRO A 383 -2.42 -5.80 -5.77
C PRO A 383 -1.03 -5.38 -6.24
N MET A 384 -0.06 -5.46 -5.34
CA MET A 384 1.36 -5.43 -5.73
C MET A 384 1.56 -6.50 -6.78
N HIS A 385 2.14 -6.13 -7.91
CA HIS A 385 2.24 -7.05 -9.06
C HIS A 385 3.47 -6.70 -9.88
N GLY A 386 4.23 -7.71 -10.27
CA GLY A 386 5.49 -7.58 -11.01
C GLY A 386 6.71 -7.22 -10.18
N LEU A 387 6.60 -7.24 -8.86
CA LEU A 387 7.76 -6.96 -8.00
C LEU A 387 8.35 -8.29 -7.59
N ASP A 388 9.63 -8.48 -7.87
CA ASP A 388 10.26 -9.79 -7.69
C ASP A 388 10.28 -10.18 -6.20
N LYS A 389 10.05 -11.44 -5.94
CA LYS A 389 9.90 -11.94 -4.56
C LYS A 389 11.24 -12.17 -3.89
N GLY A 390 12.31 -11.91 -4.62
CA GLY A 390 13.66 -12.01 -4.06
C GLY A 390 14.24 -10.64 -3.93
N LEU A 391 13.42 -9.60 -4.04
CA LEU A 391 13.94 -8.23 -4.11
C LEU A 391 14.71 -7.86 -2.84
N ASN A 392 14.37 -8.51 -1.74
CA ASN A 392 14.97 -8.21 -0.43
C ASN A 392 16.47 -8.47 -0.35
N GLN A 393 17.00 -9.18 -1.33
CA GLN A 393 18.46 -9.34 -1.50
C GLN A 393 19.11 -8.00 -1.80
N TYR A 394 18.36 -7.10 -2.44
CA TYR A 394 18.95 -5.79 -2.85
C TYR A 394 18.14 -4.61 -2.34
N VAL A 395 17.04 -4.88 -1.65
CA VAL A 395 16.11 -3.82 -1.22
C VAL A 395 15.86 -3.97 0.26
N ASP A 396 15.90 -2.88 1.00
CA ASP A 396 15.71 -2.92 2.47
C ASP A 396 14.68 -1.88 2.93
N PHE A 397 14.10 -1.17 1.97
CA PHE A 397 13.19 -0.04 2.24
C PHE A 397 12.15 -0.06 1.14
N PHE A 398 10.89 -0.27 1.46
CA PHE A 398 9.84 -0.41 0.42
C PHE A 398 8.67 0.52 0.69
N THR A 399 8.32 1.38 -0.25
CA THR A 399 7.21 2.35 -0.07
C THR A 399 6.38 2.49 -1.34
N VAL A 400 5.08 2.62 -1.19
CA VAL A 400 4.20 2.79 -2.36
C VAL A 400 3.72 4.22 -2.35
N ASN A 401 3.60 4.78 -3.55
CA ASN A 401 2.95 6.07 -3.76
C ASN A 401 1.46 5.82 -4.02
N PRO A 402 0.56 6.30 -3.12
CA PRO A 402 -0.87 6.00 -3.24
C PRO A 402 -1.58 7.03 -4.14
N MET A 403 -2.89 6.89 -4.28
CA MET A 403 -3.71 7.84 -5.07
C MET A 403 -4.11 9.03 -4.21
N GLU A 404 -4.63 10.07 -4.85
CA GLU A 404 -5.23 11.18 -4.11
C GLU A 404 -6.52 10.71 -3.42
N HIS A 405 -7.01 9.51 -3.75
CA HIS A 405 -8.14 8.82 -3.10
C HIS A 405 -7.67 7.91 -1.97
N ALA A 406 -7.74 8.41 -0.73
CA ALA A 406 -7.07 7.73 0.38
C ALA A 406 -7.80 6.43 0.68
N GLU A 407 -9.12 6.46 0.61
CA GLU A 407 -9.87 5.27 1.05
C GLU A 407 -9.61 4.06 0.16
N LEU A 408 -9.70 4.22 -1.15
CA LEU A 408 -9.57 3.08 -2.05
C LEU A 408 -8.10 2.70 -2.25
N SER A 409 -7.19 3.57 -1.83
CA SER A 409 -5.77 3.21 -1.83
C SER A 409 -5.55 2.08 -0.84
N LYS A 410 -6.42 1.98 0.14
CA LYS A 410 -6.28 0.93 1.16
C LYS A 410 -6.17 -0.47 0.54
N ILE A 411 -6.82 -0.70 -0.59
CA ILE A 411 -6.84 -2.06 -1.15
C ILE A 411 -5.42 -2.42 -1.59
N SER A 412 -4.78 -1.52 -2.29
CA SER A 412 -3.44 -1.79 -2.80
C SER A 412 -2.39 -1.86 -1.68
N ILE A 413 -2.52 -0.96 -0.71
CA ILE A 413 -1.60 -0.88 0.44
C ILE A 413 -1.68 -2.17 1.25
N HIS A 414 -2.91 -2.65 1.47
CA HIS A 414 -3.13 -3.92 2.17
C HIS A 414 -2.20 -4.99 1.60
N THR A 415 -2.16 -5.10 0.27
CA THR A 415 -1.33 -6.13 -0.37
C THR A 415 0.17 -5.79 -0.24
N ALA A 416 0.49 -4.50 -0.20
CA ALA A 416 1.90 -4.07 0.00
C ALA A 416 2.36 -4.44 1.41
N ALA A 417 1.47 -4.45 2.38
CA ALA A 417 1.81 -4.90 3.74
C ALA A 417 2.20 -6.37 3.73
N ASP A 418 1.51 -7.19 2.94
CA ASP A 418 1.80 -8.63 2.94
C ASP A 418 3.12 -8.87 2.23
N TYR A 419 3.33 -8.15 1.11
CA TYR A 419 4.49 -8.42 0.28
C TYR A 419 5.77 -8.01 0.99
N SER A 420 5.74 -6.93 1.78
CA SER A 420 6.94 -6.40 2.42
C SER A 420 7.24 -7.14 3.72
N TRP A 421 6.21 -7.71 4.34
CA TRP A 421 6.46 -8.43 5.60
C TRP A 421 6.90 -9.87 5.31
N ASN A 422 6.16 -10.55 4.47
CA ASN A 422 6.50 -11.97 4.17
C ASN A 422 6.57 -12.14 2.67
N MET A 423 7.68 -11.73 2.08
CA MET A 423 7.72 -11.51 0.61
C MET A 423 7.81 -12.81 -0.18
N ASP A 424 8.57 -13.78 0.29
CA ASP A 424 8.71 -15.05 -0.48
C ASP A 424 7.44 -15.90 -0.46
N ASN A 425 6.55 -15.70 0.50
CA ASN A 425 5.24 -16.42 0.56
C ASN A 425 4.13 -15.69 -0.22
N TYR A 426 4.43 -14.52 -0.75
CA TYR A 426 3.41 -13.61 -1.30
C TYR A 426 2.77 -14.11 -2.59
N ASP A 427 1.44 -14.25 -2.54
CA ASP A 427 0.60 -14.64 -3.68
C ASP A 427 -0.34 -13.48 -3.99
N TYR A 428 -0.06 -12.74 -5.05
CA TYR A 428 -0.80 -11.49 -5.37
C TYR A 428 -2.32 -11.71 -5.47
N ASP A 429 -2.77 -12.82 -6.05
CA ASP A 429 -4.23 -13.09 -6.14
C ASP A 429 -4.82 -13.37 -4.75
N LYS A 430 -4.12 -14.18 -3.95
CA LYS A 430 -4.60 -14.52 -2.60
C LYS A 430 -4.61 -13.27 -1.72
N ALA A 431 -3.59 -12.44 -1.86
CA ALA A 431 -3.40 -11.21 -1.09
C ALA A 431 -4.45 -10.17 -1.46
N TRP A 432 -4.74 -10.10 -2.76
CA TRP A 432 -5.78 -9.19 -3.29
C TRP A 432 -7.14 -9.55 -2.74
N ASN A 433 -7.46 -10.84 -2.79
CA ASN A 433 -8.73 -11.36 -2.29
C ASN A 433 -8.86 -11.10 -0.80
N ARG A 434 -7.80 -11.27 -0.06
CA ARG A 434 -7.84 -11.09 1.40
C ARG A 434 -8.04 -9.62 1.73
N ALA A 435 -7.33 -8.76 1.03
CA ALA A 435 -7.50 -7.32 1.23
C ALA A 435 -8.99 -6.97 1.11
N ILE A 436 -9.62 -7.37 0.03
CA ILE A 436 -11.02 -6.96 -0.20
C ILE A 436 -11.93 -7.62 0.85
N ASP A 437 -11.65 -8.87 1.18
CA ASP A 437 -12.46 -9.60 2.17
C ASP A 437 -12.42 -8.89 3.52
N MET A 438 -11.24 -8.46 3.91
CA MET A 438 -11.01 -7.87 5.25
C MET A 438 -11.55 -6.46 5.28
N LEU A 439 -11.38 -5.72 4.19
CA LEU A 439 -11.71 -4.29 4.20
C LEU A 439 -13.19 -4.03 3.91
N TYR A 440 -13.83 -4.95 3.18
CA TYR A 440 -15.20 -4.69 2.67
C TYR A 440 -16.33 -5.54 3.26
N GLY A 441 -16.00 -6.64 3.91
CA GLY A 441 -16.96 -7.38 4.75
C GLY A 441 -18.15 -7.90 3.98
N ASP A 442 -19.35 -7.57 4.44
CA ASP A 442 -20.59 -8.06 3.78
C ASP A 442 -20.57 -7.79 2.28
N LEU A 443 -19.88 -6.75 1.84
CA LEU A 443 -19.88 -6.33 0.39
C LEU A 443 -18.71 -6.88 -0.42
N ALA A 444 -17.87 -7.71 0.20
CA ALA A 444 -16.60 -8.14 -0.38
C ALA A 444 -16.78 -8.76 -1.76
N GLU A 445 -17.74 -9.67 -1.88
CA GLU A 445 -17.90 -10.45 -3.12
C GLU A 445 -18.18 -9.47 -4.26
N ASP A 446 -19.09 -8.53 -4.01
CA ASP A 446 -19.48 -7.57 -5.05
C ASP A 446 -18.36 -6.61 -5.35
N MET A 447 -17.65 -6.17 -4.33
CA MET A 447 -16.54 -5.23 -4.55
C MET A 447 -15.48 -5.90 -5.40
N LYS A 448 -15.19 -7.18 -5.16
CA LYS A 448 -14.22 -7.90 -6.02
C LYS A 448 -14.66 -7.82 -7.48
N VAL A 449 -15.93 -8.05 -7.74
CA VAL A 449 -16.45 -8.01 -9.13
C VAL A 449 -16.14 -6.66 -9.80
N PHE A 450 -16.34 -5.58 -9.06
CA PHE A 450 -16.11 -4.22 -9.56
C PHE A 450 -14.62 -3.93 -9.66
N ALA A 451 -13.93 -4.04 -8.53
CA ALA A 451 -12.46 -3.82 -8.46
C ALA A 451 -11.71 -4.69 -9.47
N ASN A 452 -12.20 -5.88 -9.75
CA ASN A 452 -11.58 -6.79 -10.73
C ASN A 452 -11.35 -6.13 -12.09
N HIS A 453 -12.18 -5.17 -12.42
CA HIS A 453 -12.11 -4.47 -13.69
C HIS A 453 -11.29 -3.21 -13.58
N SER A 454 -10.62 -2.97 -12.46
CA SER A 454 -9.93 -1.67 -12.29
C SER A 454 -8.53 -1.79 -11.68
N THR A 455 -7.71 -2.68 -12.24
CA THR A 455 -6.40 -3.02 -11.66
C THR A 455 -5.29 -2.56 -12.58
N ARG A 456 -5.59 -2.37 -13.86
CA ARG A 456 -4.55 -2.07 -14.89
C ARG A 456 -4.49 -0.56 -15.19
N MET A 457 -3.34 0.04 -14.98
CA MET A 457 -3.14 1.48 -15.31
C MET A 457 -2.33 1.56 -16.60
N ASP A 458 -2.87 2.28 -17.57
CA ASP A 458 -2.21 2.43 -18.89
C ASP A 458 -2.68 3.75 -19.51
N ASN A 459 -1.81 4.74 -19.50
CA ASN A 459 -2.06 6.05 -20.18
C ASN A 459 -1.66 5.96 -21.67
N LYS A 460 -1.33 4.75 -22.13
CA LYS A 460 -1.01 4.44 -23.56
C LYS A 460 0.22 5.23 -24.03
N THR A 461 1.06 5.70 -23.11
CA THR A 461 2.25 6.47 -23.52
C THR A 461 3.46 5.87 -22.84
N TRP A 462 3.75 6.28 -21.61
CA TRP A 462 4.96 5.87 -20.88
C TRP A 462 4.61 5.29 -19.50
N ALA A 463 3.36 5.46 -19.05
CA ALA A 463 2.90 4.90 -17.76
C ALA A 463 2.05 3.66 -17.99
N LYS A 464 2.54 2.51 -17.51
CA LYS A 464 1.83 1.23 -17.63
C LYS A 464 2.19 0.39 -16.41
N SER A 465 1.21 -0.05 -15.63
CA SER A 465 1.50 -0.94 -14.49
C SER A 465 0.25 -1.56 -13.87
N GLY A 466 0.44 -2.69 -13.19
CA GLY A 466 -0.66 -3.36 -12.51
C GLY A 466 -1.12 -4.62 -13.21
N ARG A 467 -1.79 -5.47 -12.46
CA ARG A 467 -2.38 -6.71 -12.98
C ARG A 467 -3.33 -6.34 -14.11
N GLU A 468 -3.36 -7.16 -15.15
CA GLU A 468 -4.33 -6.95 -16.27
C GLU A 468 -5.75 -6.91 -15.74
N ASP A 469 -6.61 -6.15 -16.43
CA ASP A 469 -8.04 -6.05 -16.09
C ASP A 469 -8.73 -7.38 -16.40
N ALA A 470 -9.54 -7.81 -15.44
CA ALA A 470 -10.35 -9.06 -15.39
C ALA A 470 -9.96 -10.10 -16.43
N PRO A 471 -8.75 -10.73 -16.32
CA PRO A 471 -8.25 -11.63 -17.36
C PRO A 471 -9.12 -12.83 -17.75
N GLU A 472 -9.87 -13.38 -16.79
CA GLU A 472 -10.71 -14.57 -17.00
C GLU A 472 -11.85 -14.21 -17.95
N LEU A 473 -12.37 -13.00 -17.82
CA LEU A 473 -13.47 -12.53 -18.71
C LEU A 473 -12.91 -12.23 -20.09
N ARG A 474 -11.74 -11.58 -20.17
CA ARG A 474 -11.10 -11.28 -21.47
C ARG A 474 -10.86 -12.58 -22.24
N ALA A 475 -10.63 -13.68 -21.51
CA ALA A 475 -10.31 -14.96 -22.12
C ALA A 475 -11.55 -15.53 -22.76
N LYS A 476 -12.70 -15.48 -22.02
CA LYS A 476 -13.97 -15.89 -22.62
C LYS A 476 -14.35 -15.06 -23.85
N MET A 477 -14.20 -13.74 -23.78
CA MET A 477 -14.47 -12.87 -24.94
C MET A 477 -13.62 -13.28 -26.14
N ASP A 478 -12.31 -13.38 -25.92
CA ASP A 478 -11.36 -13.79 -26.98
C ASP A 478 -11.79 -15.14 -27.58
N GLU A 479 -12.05 -16.10 -26.70
CA GLU A 479 -12.55 -17.44 -27.06
C GLU A 479 -13.82 -17.35 -27.92
N LEU A 480 -14.78 -16.51 -27.55
CA LEU A 480 -16.00 -16.33 -28.37
C LEU A 480 -15.70 -15.85 -29.80
N TRP A 481 -14.87 -14.84 -29.98
CA TRP A 481 -14.52 -14.41 -31.36
C TRP A 481 -13.91 -15.55 -32.17
N ASN A 482 -13.19 -16.46 -31.52
CA ASN A 482 -12.65 -17.66 -32.20
C ASN A 482 -13.77 -18.59 -32.59
N LYS A 483 -14.67 -18.91 -31.66
CA LYS A 483 -15.80 -19.79 -31.96
C LYS A 483 -16.68 -19.24 -33.10
N LEU A 484 -16.68 -17.93 -33.32
CA LEU A 484 -17.53 -17.35 -34.37
C LEU A 484 -16.80 -17.35 -35.72
N SER A 485 -15.51 -16.99 -35.70
CA SER A 485 -14.68 -16.94 -36.92
C SER A 485 -14.33 -18.38 -37.31
N SER A 486 -14.47 -19.33 -36.38
CA SER A 486 -14.15 -20.76 -36.59
C SER A 486 -15.43 -21.58 -36.84
N LYS A 487 -16.59 -20.92 -36.89
CA LYS A 487 -17.94 -21.50 -37.16
C LYS A 487 -18.29 -22.59 -36.13
N GLU A 488 -17.78 -22.51 -34.88
CA GLU A 488 -18.11 -23.48 -33.80
C GLU A 488 -19.41 -23.06 -33.08
N ASP A 489 -20.11 -24.00 -32.46
CA ASP A 489 -21.35 -23.72 -31.69
C ASP A 489 -20.99 -22.94 -30.44
N ALA A 490 -21.36 -21.66 -30.38
CA ALA A 490 -20.95 -20.71 -29.31
C ALA A 490 -22.05 -20.58 -28.25
N SER A 491 -23.20 -21.22 -28.41
CA SER A 491 -24.42 -20.89 -27.60
C SER A 491 -24.12 -21.06 -26.10
N ALA A 492 -23.27 -22.02 -25.73
CA ALA A 492 -22.88 -22.26 -24.31
C ALA A 492 -22.07 -21.09 -23.73
N LEU A 493 -21.17 -20.54 -24.55
CA LEU A 493 -20.30 -19.42 -24.14
C LEU A 493 -21.11 -18.15 -23.99
N ILE A 494 -22.07 -17.92 -24.90
CA ILE A 494 -22.93 -16.73 -24.85
C ILE A 494 -23.76 -16.71 -23.56
N GLU A 495 -24.30 -17.86 -23.11
CA GLU A 495 -25.05 -17.89 -21.83
C GLU A 495 -24.10 -17.60 -20.65
N GLU A 496 -22.92 -18.23 -20.64
CA GLU A 496 -21.87 -17.94 -19.65
C GLU A 496 -21.63 -16.43 -19.61
N LEU A 497 -21.48 -15.80 -20.78
CA LEU A 497 -21.14 -14.36 -20.89
C LEU A 497 -22.32 -13.46 -20.49
N TYR A 498 -23.56 -13.81 -20.84
CA TYR A 498 -24.74 -13.06 -20.39
C TYR A 498 -24.75 -12.98 -18.86
N GLY A 499 -24.40 -14.10 -18.22
CA GLY A 499 -24.35 -14.22 -16.75
C GLY A 499 -23.37 -13.27 -16.12
N GLU A 500 -22.20 -13.13 -16.73
CA GLU A 500 -21.08 -12.28 -16.25
C GLU A 500 -21.52 -10.82 -16.31
N PHE A 501 -22.02 -10.39 -17.47
CA PHE A 501 -22.55 -9.02 -17.62
C PHE A 501 -23.73 -8.71 -16.67
N ALA A 502 -24.65 -9.64 -16.46
CA ALA A 502 -25.71 -9.39 -15.46
C ALA A 502 -25.08 -9.18 -14.09
N ARG A 503 -24.06 -9.96 -13.73
CA ARG A 503 -23.51 -9.86 -12.37
C ARG A 503 -22.77 -8.54 -12.20
N MET A 504 -22.14 -8.04 -13.26
CA MET A 504 -21.47 -6.73 -13.29
C MET A 504 -22.45 -5.62 -12.89
N GLU A 505 -23.61 -5.66 -13.49
CA GLU A 505 -24.70 -4.74 -13.24
C GLU A 505 -25.21 -4.89 -11.80
N GLU A 506 -25.60 -6.13 -11.44
CA GLU A 506 -26.06 -6.47 -10.05
C GLU A 506 -25.08 -5.89 -9.02
N ALA A 507 -23.77 -6.17 -9.18
CA ALA A 507 -22.78 -5.83 -8.15
C ALA A 507 -22.67 -4.33 -8.01
N CYS A 508 -22.53 -3.63 -9.14
CA CYS A 508 -22.38 -2.17 -9.10
C CYS A 508 -23.60 -1.47 -8.53
N ASN A 509 -24.80 -1.94 -8.85
CA ASN A 509 -26.04 -1.39 -8.26
C ASN A 509 -26.06 -1.59 -6.75
N ASN A 510 -25.61 -2.77 -6.31
CA ASN A 510 -25.51 -3.07 -4.87
C ASN A 510 -24.52 -2.13 -4.16
N LEU A 511 -23.36 -1.88 -4.78
CA LEU A 511 -22.36 -0.96 -4.17
C LEU A 511 -22.92 0.45 -4.08
N LYS A 512 -23.56 0.94 -5.13
CA LYS A 512 -24.15 2.29 -5.16
C LYS A 512 -25.16 2.45 -4.03
N ALA A 513 -25.86 1.39 -3.71
CA ALA A 513 -26.90 1.45 -2.70
C ALA A 513 -26.31 1.33 -1.31
N ASN A 514 -25.28 0.50 -1.15
CA ASN A 514 -24.86 0.03 0.21
C ASN A 514 -23.46 0.42 0.68
N LEU A 515 -22.56 0.80 -0.19
CA LEU A 515 -21.20 1.24 0.23
C LEU A 515 -21.31 2.45 1.16
N PRO A 516 -20.54 2.53 2.26
CA PRO A 516 -20.36 3.78 3.01
C PRO A 516 -19.85 4.96 2.18
N GLU A 517 -20.18 6.19 2.64
CA GLU A 517 -19.80 7.41 1.90
C GLU A 517 -18.30 7.38 1.61
N VAL A 518 -17.50 7.02 2.61
CA VAL A 518 -16.02 7.13 2.53
C VAL A 518 -15.45 6.36 1.33
N ALA A 519 -16.00 5.20 1.01
CA ALA A 519 -15.62 4.49 -0.21
C ALA A 519 -16.38 5.05 -1.41
N LEU A 520 -17.69 5.18 -1.26
CA LEU A 520 -18.56 5.60 -2.40
C LEU A 520 -18.13 6.96 -2.96
N GLU A 521 -17.79 7.93 -2.12
CA GLU A 521 -17.41 9.28 -2.59
C GLU A 521 -16.18 9.27 -3.48
N GLU A 522 -15.46 8.15 -3.48
CA GLU A 522 -14.21 8.03 -4.24
C GLU A 522 -14.40 7.31 -5.60
N CYS A 523 -15.40 6.45 -5.71
CA CYS A 523 -15.55 5.62 -6.92
C CYS A 523 -16.93 5.66 -7.54
N SER A 524 -17.81 6.53 -7.09
CA SER A 524 -19.23 6.52 -7.55
C SER A 524 -19.32 6.69 -9.08
N ARG A 525 -18.43 7.50 -9.65
CA ARG A 525 -18.46 7.81 -11.09
C ARG A 525 -18.04 6.61 -11.93
N GLN A 526 -17.10 5.83 -11.41
CA GLN A 526 -16.61 4.61 -12.06
C GLN A 526 -17.65 3.49 -11.97
N LEU A 527 -18.38 3.36 -10.87
CA LEU A 527 -19.53 2.43 -10.82
C LEU A 527 -20.52 2.76 -11.95
N ASP A 528 -20.96 4.01 -12.08
CA ASP A 528 -21.87 4.39 -13.18
C ASP A 528 -21.33 3.98 -14.55
N GLU A 529 -20.02 4.17 -14.75
CA GLU A 529 -19.33 3.78 -16.01
C GLU A 529 -19.39 2.28 -16.28
N LEU A 530 -19.09 1.46 -15.28
CA LEU A 530 -19.12 0.00 -15.46
C LEU A 530 -20.54 -0.53 -15.68
N ILE A 531 -21.53 0.09 -15.08
CA ILE A 531 -22.95 -0.28 -15.33
C ILE A 531 -23.27 0.01 -16.79
N THR A 532 -22.89 1.20 -17.25
CA THR A 532 -23.10 1.56 -18.66
C THR A 532 -22.46 0.52 -19.59
N LEU A 533 -21.19 0.22 -19.37
CA LEU A 533 -20.46 -0.75 -20.21
C LEU A 533 -21.07 -2.13 -20.13
N ALA A 534 -21.48 -2.55 -18.95
CA ALA A 534 -22.11 -3.87 -18.80
C ALA A 534 -23.35 -3.90 -19.70
N GLN A 535 -24.14 -2.83 -19.66
CA GLN A 535 -25.35 -2.77 -20.48
C GLN A 535 -25.00 -2.82 -21.96
N GLY A 536 -23.88 -2.19 -22.32
CA GLY A 536 -23.41 -2.16 -23.70
C GLY A 536 -22.85 -3.49 -24.15
N ASP A 537 -22.18 -4.20 -23.26
CA ASP A 537 -21.71 -5.55 -23.59
C ASP A 537 -22.93 -6.44 -23.82
N LYS A 538 -23.96 -6.32 -22.98
CA LYS A 538 -25.20 -7.14 -23.16
C LYS A 538 -25.82 -6.90 -24.53
N ALA A 539 -26.02 -5.66 -24.93
CA ALA A 539 -26.52 -5.34 -26.28
C ALA A 539 -25.57 -5.87 -27.36
N SER A 540 -24.27 -5.80 -27.10
CA SER A 540 -23.30 -6.38 -28.04
C SER A 540 -23.56 -7.87 -28.31
N LEU A 541 -23.82 -8.63 -27.26
CA LEU A 541 -24.19 -10.05 -27.42
C LEU A 541 -25.51 -10.19 -28.20
N ASP A 542 -26.52 -9.43 -27.82
CA ASP A 542 -27.79 -9.33 -28.59
C ASP A 542 -27.51 -9.10 -30.08
N MET A 543 -26.56 -8.24 -30.39
CA MET A 543 -26.09 -8.03 -31.77
C MET A 543 -25.55 -9.31 -32.41
N ILE A 544 -24.66 -10.01 -31.71
CA ILE A 544 -24.14 -11.32 -32.21
C ILE A 544 -25.27 -12.30 -32.40
N VAL A 545 -26.17 -12.44 -31.42
CA VAL A 545 -27.32 -13.34 -31.48
C VAL A 545 -28.18 -13.04 -32.71
N ALA A 546 -28.47 -11.76 -32.94
CA ALA A 546 -29.28 -11.28 -34.07
C ALA A 546 -28.55 -11.49 -35.40
N GLN A 547 -27.24 -11.30 -35.42
CA GLN A 547 -26.44 -11.56 -36.63
C GLN A 547 -26.51 -13.06 -36.94
N LEU A 548 -26.41 -13.91 -35.94
CA LEU A 548 -26.48 -15.35 -36.19
C LEU A 548 -27.88 -15.71 -36.67
N ASN A 549 -28.91 -15.05 -36.15
CA ASN A 549 -30.30 -15.34 -36.57
C ASN A 549 -30.66 -14.62 -37.88
N GLU A 550 -29.70 -13.94 -38.51
CA GLU A 550 -29.98 -13.08 -39.69
C GLU A 550 -31.25 -12.26 -39.39
N ASP A 551 -31.41 -11.77 -38.16
CA ASP A 551 -32.59 -10.96 -37.75
C ASP A 551 -32.19 -9.48 -37.69
N THR A 552 -32.42 -8.75 -38.77
CA THR A 552 -31.83 -7.39 -38.91
C THR A 552 -32.53 -6.35 -38.02
N GLU A 553 -33.86 -6.37 -37.94
CA GLU A 553 -34.62 -5.54 -37.00
C GLU A 553 -33.99 -5.57 -35.61
N ALA A 554 -33.86 -6.74 -34.98
CA ALA A 554 -33.20 -6.88 -33.64
C ALA A 554 -31.76 -6.41 -33.66
N TYR A 555 -31.07 -6.66 -34.79
CA TYR A 555 -29.67 -6.20 -34.98
C TYR A 555 -29.58 -4.68 -34.94
N GLU A 556 -30.38 -3.98 -35.74
CA GLU A 556 -30.30 -2.50 -35.84
C GLU A 556 -30.62 -1.85 -34.50
N SER A 557 -31.57 -2.44 -33.79
CA SER A 557 -32.03 -1.92 -32.48
C SER A 557 -30.93 -2.10 -31.42
N ALA A 558 -30.40 -3.31 -31.28
CA ALA A 558 -29.24 -3.60 -30.42
C ALA A 558 -28.03 -2.73 -30.79
N LYS A 559 -27.74 -2.55 -32.07
CA LYS A 559 -26.59 -1.71 -32.49
C LYS A 559 -26.71 -0.28 -31.98
N GLU A 560 -27.85 0.38 -32.13
CA GLU A 560 -27.98 1.75 -31.60
C GLU A 560 -27.73 1.81 -30.09
N ILE A 561 -28.27 0.85 -29.32
CA ILE A 561 -28.05 0.76 -27.85
C ILE A 561 -26.58 0.56 -27.56
N ALA A 562 -25.94 -0.34 -28.28
CA ALA A 562 -24.50 -0.54 -28.12
C ALA A 562 -23.75 0.79 -28.37
N GLN A 563 -24.08 1.54 -29.41
CA GLN A 563 -23.38 2.80 -29.71
C GLN A 563 -23.66 3.81 -28.62
N ASN A 564 -24.89 3.83 -28.14
CA ASN A 564 -25.33 4.73 -27.07
C ASN A 564 -24.49 4.53 -25.82
N LYS A 565 -24.29 3.28 -25.40
CA LYS A 565 -23.53 3.01 -24.16
C LYS A 565 -22.07 3.36 -24.41
N LEU A 566 -21.54 3.00 -25.57
CA LEU A 566 -20.13 3.34 -25.86
C LEU A 566 -19.92 4.86 -25.87
N ASN A 567 -20.82 5.60 -26.50
CA ASN A 567 -20.69 7.06 -26.60
C ASN A 567 -20.61 7.69 -25.22
N THR A 568 -21.43 7.19 -24.31
CA THR A 568 -21.39 7.65 -22.90
C THR A 568 -20.04 7.39 -22.27
N ALA A 569 -19.37 6.27 -22.55
CA ALA A 569 -18.15 5.94 -21.79
C ALA A 569 -16.98 6.79 -22.29
N LEU A 570 -16.91 6.97 -23.61
CA LEU A 570 -15.81 7.72 -24.21
C LEU A 570 -15.82 9.19 -23.83
N SER A 571 -16.99 9.72 -23.51
CA SER A 571 -17.13 11.12 -23.08
C SER A 571 -17.19 11.28 -21.55
N SER A 572 -17.28 10.20 -20.78
CA SER A 572 -17.23 10.20 -19.31
C SER A 572 -15.81 10.53 -18.87
N PHE A 573 -15.67 11.23 -17.75
CA PHE A 573 -14.34 11.41 -17.10
C PHE A 573 -13.81 10.05 -16.62
N ALA A 574 -14.68 9.32 -15.92
CA ALA A 574 -14.43 7.94 -15.47
C ALA A 574 -13.83 7.08 -16.58
N VAL A 575 -12.81 6.33 -16.20
CA VAL A 575 -12.17 5.33 -17.06
C VAL A 575 -12.15 4.02 -16.28
N ILE A 576 -12.56 2.95 -16.94
CA ILE A 576 -12.53 1.60 -16.33
C ILE A 576 -12.64 0.56 -17.41
N SER A 577 -12.08 -0.61 -17.15
CA SER A 577 -12.13 -1.80 -18.01
C SER A 577 -11.90 -1.45 -19.49
N GLU A 578 -10.97 -0.52 -19.76
CA GLU A 578 -10.67 -0.08 -21.16
C GLU A 578 -10.55 -1.29 -22.10
N LYS A 579 -9.75 -2.28 -21.71
CA LYS A 579 -9.34 -3.36 -22.65
C LYS A 579 -10.26 -4.57 -22.55
N VAL A 580 -11.31 -4.52 -21.74
CA VAL A 580 -12.22 -5.66 -21.54
C VAL A 580 -13.67 -5.28 -21.82
N ALA A 581 -14.39 -4.80 -20.82
CA ALA A 581 -15.81 -4.43 -21.00
C ALA A 581 -15.96 -3.37 -22.10
N GLN A 582 -15.08 -2.40 -22.15
CA GLN A 582 -15.16 -1.33 -23.16
C GLN A 582 -14.80 -1.87 -24.54
N SER A 583 -13.65 -2.50 -24.68
CA SER A 583 -13.19 -3.04 -25.97
C SER A 583 -14.20 -4.02 -26.59
N PHE A 584 -14.87 -4.83 -25.78
CA PHE A 584 -15.88 -5.79 -26.28
C PHE A 584 -16.93 -5.09 -27.15
N ILE A 585 -17.43 -3.96 -26.71
CA ILE A 585 -18.40 -3.17 -27.50
C ILE A 585 -17.72 -2.64 -28.76
N GLN A 586 -16.50 -2.16 -28.65
CA GLN A 586 -15.76 -1.67 -29.86
C GLN A 586 -15.47 -2.84 -30.80
N GLU A 587 -15.21 -4.01 -30.24
CA GLU A 587 -14.97 -5.21 -31.07
C GLU A 587 -16.24 -5.53 -31.85
N ALA A 588 -17.34 -5.61 -31.12
CA ALA A 588 -18.65 -5.97 -31.69
C ALA A 588 -19.02 -5.03 -32.83
N LEU A 589 -18.49 -3.80 -32.83
CA LEU A 589 -18.78 -2.83 -33.89
C LEU A 589 -17.67 -2.90 -34.96
N SER A 590 -17.27 -4.10 -35.37
CA SER A 590 -16.22 -4.34 -36.39
C SER A 590 -16.49 -5.64 -37.17
N PHE A 591 -17.69 -5.76 -37.74
CA PHE A 591 -18.20 -6.90 -38.57
C PHE A 591 -17.88 -8.23 -37.86
N ALA A 592 -17.41 -9.26 -38.55
CA ALA A 592 -16.97 -10.57 -37.98
C ALA A 592 -16.10 -11.33 -38.99
N ALA B 2 2.19 18.57 -13.95
CA ALA B 2 0.84 17.95 -13.79
C ALA B 2 0.99 16.45 -13.40
N HIS B 3 2.26 15.93 -13.53
CA HIS B 3 2.72 14.55 -13.20
C HIS B 3 4.23 14.42 -13.65
N CYS B 4 4.83 13.19 -13.67
CA CYS B 4 6.25 12.95 -14.14
C CYS B 4 6.38 12.67 -15.68
N GLY B 5 7.48 11.96 -16.11
CA GLY B 5 7.73 11.50 -17.50
C GLY B 5 7.40 12.52 -18.64
#